data_4MCD
#
_entry.id   4MCD
#
_cell.length_a   93.345
_cell.length_b   93.345
_cell.length_c   178.908
_cell.angle_alpha   90.000
_cell.angle_beta   90.000
_cell.angle_gamma   120.000
#
_symmetry.space_group_name_H-M   'H 3 2'
#
loop_
_entity.id
_entity.type
_entity.pdbx_description
1 polymer 'tRNA (guanine-N(1)-)-methyltransferase'
2 non-polymer 5-phenylthieno[2,3-d]pyrimidin-4(3H)-one
3 water water
#
_entity_poly.entity_id   1
_entity_poly.type   'polypeptide(L)'
_entity_poly.pdbx_seq_one_letter_code
;MWIGVISLFPEMFKAITEFGVTGRAVKHNLLKVECWNPRDFTFDKHKTVDDRPYGGGPGMLMMVQPLRDAIHTAKAAAGE
GAKVIYLSPQGRKLDQGGVTELAQNQKLILVCGRYEGIDERLIQTEIDEEWSIGDYVLTGGELPAMTLIDAVARFIPGVL
GKQASAEEDSFADGLLDCPHYTRPEVLEGLTVPPVLMSGHHEEIRKWRLKQSLQRTWLRRPELLEGLALTDEQRKLLKEA
QAEHNS
;
_entity_poly.pdbx_strand_id   A
#
# COMPACT_ATOMS: atom_id res chain seq x y z
N MET A 1 -13.92 7.20 3.27
CA MET A 1 -13.20 6.22 4.13
C MET A 1 -12.50 6.96 5.27
N TRP A 2 -12.54 6.36 6.46
CA TRP A 2 -11.93 6.94 7.65
C TRP A 2 -10.81 6.05 8.09
N ILE A 3 -9.63 6.62 8.28
CA ILE A 3 -8.48 5.84 8.74
C ILE A 3 -7.91 6.49 9.99
N GLY A 4 -7.96 5.77 11.10
CA GLY A 4 -7.27 6.19 12.30
C GLY A 4 -5.83 5.72 12.24
N VAL A 5 -4.92 6.54 12.77
CA VAL A 5 -3.52 6.21 12.81
C VAL A 5 -2.95 6.44 14.21
N ILE A 6 -2.18 5.47 14.70
CA ILE A 6 -1.44 5.62 15.97
C ILE A 6 0.03 5.68 15.60
N SER A 7 0.66 6.82 15.87
CA SER A 7 2.06 7.05 15.50
C SER A 7 2.71 8.06 16.41
N LEU A 8 3.97 7.79 16.71
CA LEU A 8 4.84 8.77 17.37
C LEU A 8 5.21 9.96 16.48
N PHE A 9 4.97 9.86 15.18
CA PHE A 9 5.34 10.94 14.25
C PHE A 9 4.19 11.34 13.34
N PRO A 10 3.08 11.85 13.92
CA PRO A 10 1.91 12.16 13.08
C PRO A 10 2.17 13.12 11.92
N GLU A 11 3.11 14.04 12.08
CA GLU A 11 3.44 14.98 11.02
C GLU A 11 4.01 14.32 9.74
N MET A 12 4.53 13.09 9.86
CA MET A 12 4.96 12.34 8.66
C MET A 12 3.80 12.16 7.66
N PHE A 13 2.57 12.08 8.19
CA PHE A 13 1.40 11.79 7.36
C PHE A 13 0.95 12.94 6.46
N LYS A 14 1.49 14.13 6.69
CA LYS A 14 1.36 15.27 5.77
C LYS A 14 1.76 14.87 4.35
N ALA A 15 2.68 13.90 4.24
CA ALA A 15 3.16 13.48 2.94
C ALA A 15 2.03 12.99 2.06
N ILE A 16 1.04 12.32 2.67
CA ILE A 16 -0.10 11.87 1.90
C ILE A 16 -1.34 12.77 2.04
N THR A 17 -1.48 13.48 3.15
CA THR A 17 -2.68 14.30 3.36
C THR A 17 -2.60 15.68 2.72
N GLU A 18 -1.40 16.15 2.33
CA GLU A 18 -1.25 17.50 1.78
C GLU A 18 -0.81 17.54 0.29
N PHE A 19 -0.59 16.38 -0.32
CA PHE A 19 -0.03 16.32 -1.66
C PHE A 19 -0.72 15.32 -2.56
N GLY A 20 -0.83 15.67 -3.84
CA GLY A 20 -1.26 14.75 -4.86
C GLY A 20 -2.69 14.32 -4.76
N VAL A 21 -2.98 13.16 -5.34
CA VAL A 21 -4.33 12.62 -5.38
C VAL A 21 -4.88 12.26 -3.98
N THR A 22 -4.03 11.82 -3.07
CA THR A 22 -4.47 11.53 -1.71
C THR A 22 -4.73 12.84 -0.99
N GLY A 23 -3.88 13.83 -1.23
CA GLY A 23 -4.10 15.17 -0.69
C GLY A 23 -5.43 15.77 -1.13
N ARG A 24 -5.77 15.60 -2.39
CA ARG A 24 -7.07 16.05 -2.92
C ARG A 24 -8.21 15.27 -2.23
N ALA A 25 -8.05 13.96 -2.11
CA ALA A 25 -9.06 13.13 -1.44
C ALA A 25 -9.33 13.61 -0.01
N VAL A 26 -8.27 13.99 0.71
CA VAL A 26 -8.42 14.51 2.08
C VAL A 26 -9.10 15.87 2.10
N LYS A 27 -8.67 16.76 1.21
CA LYS A 27 -9.27 18.10 1.14
C LYS A 27 -10.76 18.04 0.82
N HIS A 28 -11.16 17.09 -0.02
CA HIS A 28 -12.56 16.96 -0.45
C HIS A 28 -13.38 16.04 0.44
N ASN A 29 -12.78 15.61 1.55
CA ASN A 29 -13.47 14.78 2.55
C ASN A 29 -13.88 13.40 2.06
N LEU A 30 -13.19 12.88 1.04
CA LEU A 30 -13.40 11.52 0.55
C LEU A 30 -12.63 10.54 1.44
N LEU A 31 -11.53 11.05 2.00
CA LEU A 31 -10.64 10.28 2.87
C LEU A 31 -10.40 11.13 4.10
N LYS A 32 -10.57 10.53 5.27
CA LYS A 32 -10.25 11.19 6.53
C LYS A 32 -9.16 10.40 7.24
N VAL A 33 -8.09 11.10 7.58
CA VAL A 33 -6.98 10.50 8.33
C VAL A 33 -6.89 11.25 9.65
N GLU A 34 -7.00 10.50 10.75
CA GLU A 34 -6.98 11.07 12.07
C GLU A 34 -5.91 10.38 12.88
N CYS A 35 -5.00 11.16 13.49
CA CYS A 35 -3.83 10.58 14.20
C CYS A 35 -3.89 10.77 15.72
N TRP A 36 -3.47 9.75 16.46
CA TRP A 36 -3.23 9.83 17.88
C TRP A 36 -1.77 9.46 18.11
N ASN A 37 -1.12 10.21 18.99
CA ASN A 37 0.27 10.06 19.29
C ASN A 37 0.42 9.54 20.72
N PRO A 38 1.03 8.36 20.89
CA PRO A 38 1.22 7.79 22.23
C PRO A 38 1.90 8.76 23.18
N ARG A 39 2.73 9.68 22.67
CA ARG A 39 3.36 10.66 23.54
C ARG A 39 2.34 11.49 24.36
N ASP A 40 1.18 11.78 23.76
CA ASP A 40 0.14 12.54 24.43
C ASP A 40 -0.55 11.77 25.56
N PHE A 41 -0.29 10.48 25.65
CA PHE A 41 -0.93 9.61 26.64
C PHE A 41 0.05 9.22 27.77
N THR A 42 1.25 9.80 27.75
CA THR A 42 2.20 9.60 28.83
C THR A 42 1.85 10.48 30.05
N PHE A 43 2.40 10.10 31.20
CA PHE A 43 2.15 10.82 32.44
C PHE A 43 3.46 11.25 33.16
N ASP A 44 4.59 10.69 32.77
CA ASP A 44 5.85 11.07 33.40
C ASP A 44 6.36 12.36 32.81
N LYS A 45 7.25 12.99 33.56
CA LYS A 45 7.75 14.31 33.22
C LYS A 45 8.37 14.38 31.82
N HIS A 46 9.08 13.32 31.44
CA HIS A 46 9.82 13.31 30.18
C HIS A 46 9.07 12.66 29.03
N LYS A 47 7.78 12.38 29.24
CA LYS A 47 6.89 11.82 28.21
C LYS A 47 7.50 10.61 27.50
N THR A 48 7.84 9.61 28.31
CA THR A 48 8.58 8.42 27.85
C THR A 48 7.68 7.49 27.08
N VAL A 49 8.10 7.12 25.86
CA VAL A 49 7.28 6.26 24.98
C VAL A 49 7.92 4.95 24.63
N ASP A 50 9.13 4.73 25.12
CA ASP A 50 9.82 3.45 24.94
C ASP A 50 10.02 2.71 26.26
N ASP A 51 10.39 1.43 26.18
CA ASP A 51 10.62 0.67 27.42
C ASP A 51 11.56 -0.48 27.07
N ARG A 52 12.20 -1.04 28.09
CA ARG A 52 13.22 -2.06 27.89
C ARG A 52 12.58 -3.42 27.71
N PRO A 53 13.10 -4.22 26.77
CA PRO A 53 12.59 -5.58 26.59
C PRO A 53 13.01 -6.51 27.74
N TYR A 54 12.06 -7.34 28.19
CA TYR A 54 12.40 -8.45 29.08
C TYR A 54 13.33 -9.41 28.34
N GLY A 55 14.34 -9.90 29.04
CA GLY A 55 15.31 -10.79 28.45
C GLY A 55 16.51 -10.03 27.92
N GLY A 56 16.42 -8.70 27.96
CA GLY A 56 17.53 -7.84 27.58
C GLY A 56 17.75 -7.77 26.09
N GLY A 57 19.03 -7.65 25.71
CA GLY A 57 19.43 -7.48 24.33
C GLY A 57 19.50 -6.01 23.97
N PRO A 58 19.82 -5.71 22.70
CA PRO A 58 19.82 -4.33 22.27
C PRO A 58 18.39 -3.89 22.03
N GLY A 59 18.18 -2.60 21.89
CA GLY A 59 16.91 -2.11 21.42
C GLY A 59 15.85 -1.98 22.50
N MET A 60 14.89 -1.13 22.18
CA MET A 60 13.83 -0.77 23.06
C MET A 60 12.55 -1.22 22.37
N LEU A 61 11.47 -1.33 23.11
CA LEU A 61 10.15 -1.52 22.54
C LEU A 61 9.32 -0.30 22.80
N MET A 62 8.19 -0.20 22.12
CA MET A 62 7.24 0.84 22.49
C MET A 62 6.68 0.53 23.88
N MET A 63 6.56 1.55 24.70
CA MET A 63 6.00 1.40 26.06
C MET A 63 4.53 1.02 25.94
N VAL A 64 4.10 0.06 26.78
CA VAL A 64 2.75 -0.49 26.67
C VAL A 64 1.66 0.51 27.02
N GLN A 65 1.74 1.14 28.19
CA GLN A 65 0.62 1.96 28.67
C GLN A 65 0.21 3.12 27.70
N PRO A 66 1.17 3.95 27.25
CA PRO A 66 0.78 5.05 26.36
C PRO A 66 0.24 4.54 25.04
N LEU A 67 0.82 3.48 24.52
CA LEU A 67 0.36 2.92 23.23
C LEU A 67 -1.05 2.31 23.33
N ARG A 68 -1.27 1.52 24.37
CA ARG A 68 -2.57 0.90 24.65
C ARG A 68 -3.65 1.98 24.80
N ASP A 69 -3.34 3.04 25.56
CA ASP A 69 -4.32 4.11 25.81
C ASP A 69 -4.65 4.86 24.50
N ALA A 70 -3.65 5.05 23.65
CA ALA A 70 -3.87 5.68 22.35
C ALA A 70 -4.75 4.79 21.47
N ILE A 71 -4.51 3.48 21.47
CA ILE A 71 -5.32 2.53 20.70
C ILE A 71 -6.78 2.56 21.16
N HIS A 72 -6.99 2.48 22.47
CA HIS A 72 -8.33 2.54 23.07
C HIS A 72 -9.08 3.80 22.66
N THR A 73 -8.38 4.93 22.64
CA THR A 73 -8.96 6.24 22.32
C THR A 73 -9.36 6.29 20.85
N ALA A 74 -8.47 5.79 19.99
CA ALA A 74 -8.79 5.60 18.57
C ALA A 74 -10.01 4.69 18.35
N LYS A 75 -10.06 3.56 19.04
CA LYS A 75 -11.19 2.65 18.92
C LYS A 75 -12.51 3.29 19.33
N ALA A 76 -12.46 4.09 20.40
CA ALA A 76 -13.63 4.79 20.89
C ALA A 76 -14.11 5.82 19.88
N ALA A 77 -13.18 6.52 19.24
CA ALA A 77 -13.52 7.50 18.20
C ALA A 77 -14.05 6.84 16.92
N ALA A 78 -13.57 5.65 16.62
CA ALA A 78 -13.97 4.94 15.39
C ALA A 78 -15.38 4.36 15.52
N GLY A 79 -15.77 4.03 16.75
CA GLY A 79 -17.02 3.35 17.00
C GLY A 79 -16.97 1.91 16.51
N GLU A 80 -18.14 1.34 16.25
CA GLU A 80 -18.23 -0.05 15.81
C GLU A 80 -17.72 -0.24 14.39
N GLY A 81 -17.15 -1.43 14.13
CA GLY A 81 -16.83 -1.87 12.78
C GLY A 81 -15.45 -1.52 12.25
N ALA A 82 -14.58 -0.99 13.11
CA ALA A 82 -13.22 -0.61 12.68
C ALA A 82 -12.26 -1.77 12.91
N LYS A 83 -11.54 -2.13 11.86
CA LYS A 83 -10.53 -3.18 11.94
C LYS A 83 -9.20 -2.57 12.35
N VAL A 84 -8.59 -3.09 13.42
CA VAL A 84 -7.30 -2.57 13.91
C VAL A 84 -6.16 -3.40 13.29
N ILE A 85 -5.27 -2.70 12.60
CA ILE A 85 -4.16 -3.32 11.89
C ILE A 85 -2.83 -2.88 12.50
N TYR A 86 -1.97 -3.85 12.80
CA TYR A 86 -0.59 -3.58 13.15
C TYR A 86 0.25 -3.85 11.90
N LEU A 87 1.03 -2.86 11.47
CA LEU A 87 1.94 -3.07 10.36
C LEU A 87 3.24 -3.68 10.86
N SER A 88 3.63 -4.84 10.31
CA SER A 88 4.89 -5.46 10.73
C SER A 88 5.43 -6.43 9.70
N PRO A 89 6.74 -6.67 9.74
CA PRO A 89 7.31 -7.61 8.78
C PRO A 89 6.85 -9.06 8.98
N GLN A 90 6.24 -9.37 10.14
CA GLN A 90 5.63 -10.69 10.36
C GLN A 90 4.20 -10.77 9.89
N GLY A 91 3.69 -9.71 9.26
CA GLY A 91 2.33 -9.68 8.77
C GLY A 91 2.18 -10.36 7.43
N ARG A 92 0.93 -10.50 7.01
CA ARG A 92 0.59 -10.91 5.65
C ARG A 92 1.22 -9.92 4.66
N LYS A 93 1.95 -10.42 3.67
CA LYS A 93 2.59 -9.54 2.69
C LYS A 93 1.56 -8.89 1.78
N LEU A 94 1.54 -7.57 1.77
CA LEU A 94 0.58 -6.83 0.96
C LEU A 94 0.77 -7.11 -0.53
N ASP A 95 -0.34 -7.35 -1.22
CA ASP A 95 -0.37 -7.38 -2.69
C ASP A 95 -1.72 -6.82 -3.13
N GLN A 96 -1.95 -6.68 -4.42
CA GLN A 96 -3.16 -5.99 -4.87
C GLN A 96 -4.46 -6.68 -4.45
N GLY A 97 -4.48 -8.02 -4.39
CA GLY A 97 -5.61 -8.76 -3.83
C GLY A 97 -5.89 -8.33 -2.40
N GLY A 98 -4.83 -8.23 -1.60
CA GLY A 98 -4.89 -7.74 -0.23
C GLY A 98 -5.44 -6.33 -0.12
N VAL A 99 -5.00 -5.44 -1.02
CA VAL A 99 -5.47 -4.06 -1.02
C VAL A 99 -6.98 -3.99 -1.28
N THR A 100 -7.44 -4.75 -2.27
CA THR A 100 -8.86 -4.71 -2.64
C THR A 100 -9.74 -5.20 -1.47
N GLU A 101 -9.23 -6.20 -0.76
CA GLU A 101 -9.85 -6.72 0.46
C GLU A 101 -9.89 -5.65 1.56
N LEU A 102 -8.72 -5.05 1.84
CA LEU A 102 -8.62 -3.96 2.82
C LEU A 102 -9.52 -2.77 2.48
N ALA A 103 -9.66 -2.48 1.17
CA ALA A 103 -10.48 -1.36 0.69
C ALA A 103 -11.97 -1.53 0.93
N GLN A 104 -12.42 -2.74 1.25
CA GLN A 104 -13.84 -2.97 1.58
C GLN A 104 -14.23 -2.35 2.93
N ASN A 105 -13.25 -2.09 3.78
CA ASN A 105 -13.52 -1.50 5.10
C ASN A 105 -13.80 0.00 5.00
N GLN A 106 -14.89 0.44 5.63
CA GLN A 106 -15.19 1.87 5.73
C GLN A 106 -14.32 2.56 6.80
N LYS A 107 -13.87 1.76 7.77
CA LYS A 107 -13.04 2.22 8.88
C LYS A 107 -11.85 1.29 9.15
N LEU A 108 -10.67 1.87 9.27
CA LEU A 108 -9.46 1.15 9.66
C LEU A 108 -8.71 1.94 10.74
N ILE A 109 -7.98 1.23 11.61
CA ILE A 109 -7.04 1.87 12.52
C ILE A 109 -5.70 1.22 12.27
N LEU A 110 -4.70 2.05 12.00
CA LEU A 110 -3.39 1.52 11.67
C LEU A 110 -2.42 1.86 12.79
N VAL A 111 -1.80 0.84 13.35
CA VAL A 111 -0.84 1.06 14.45
C VAL A 111 0.57 1.00 13.90
N CYS A 112 1.33 2.09 14.09
CA CYS A 112 2.69 2.27 13.56
C CYS A 112 3.74 2.05 14.63
N GLY A 113 4.51 1.00 14.46
CA GLY A 113 5.58 0.65 15.39
C GLY A 113 6.87 1.39 15.11
N ARG A 114 7.66 1.55 16.16
CA ARG A 114 8.99 2.15 16.10
C ARG A 114 9.84 1.24 17.00
N TYR A 115 11.14 1.48 17.01
CA TYR A 115 12.08 0.68 17.77
C TYR A 115 11.98 -0.82 17.36
N GLU A 116 12.00 -1.75 18.31
CA GLU A 116 11.88 -3.17 17.96
C GLU A 116 10.43 -3.63 17.80
N GLY A 117 9.47 -2.74 18.02
CA GLY A 117 8.08 -3.02 17.74
C GLY A 117 7.25 -2.93 19.01
N ILE A 118 6.20 -3.74 19.08
CA ILE A 118 5.27 -3.63 20.20
C ILE A 118 5.22 -4.95 20.96
N ASP A 119 4.79 -4.87 22.22
CA ASP A 119 4.65 -6.06 23.07
C ASP A 119 3.68 -7.06 22.42
N GLU A 120 4.09 -8.31 22.39
CA GLU A 120 3.34 -9.38 21.72
C GLU A 120 1.92 -9.51 22.25
N ARG A 121 1.73 -9.24 23.55
CA ARG A 121 0.41 -9.34 24.14
C ARG A 121 -0.55 -8.23 23.64
N LEU A 122 -0.04 -7.07 23.24
CA LEU A 122 -0.88 -6.05 22.57
C LEU A 122 -1.39 -6.55 21.22
N ILE A 123 -0.57 -7.32 20.50
CA ILE A 123 -1.01 -7.93 19.25
C ILE A 123 -2.16 -8.91 19.56
N GLN A 124 -1.97 -9.73 20.59
CA GLN A 124 -3.00 -10.69 20.98
C GLN A 124 -4.29 -9.98 21.40
N THR A 125 -4.19 -8.90 22.16
CA THR A 125 -5.37 -8.28 22.79
C THR A 125 -6.01 -7.14 22.03
N GLU A 126 -5.26 -6.43 21.18
CA GLU A 126 -5.78 -5.24 20.52
C GLU A 126 -5.86 -5.32 19.01
N ILE A 127 -5.03 -6.17 18.40
CA ILE A 127 -4.85 -6.15 16.95
C ILE A 127 -5.72 -7.22 16.27
N ASP A 128 -6.41 -6.83 15.21
CA ASP A 128 -7.19 -7.78 14.40
C ASP A 128 -6.35 -8.49 13.33
N GLU A 129 -5.54 -7.73 12.60
CA GLU A 129 -4.75 -8.26 11.50
C GLU A 129 -3.38 -7.63 11.51
N GLU A 130 -2.39 -8.39 11.04
CA GLU A 130 -1.02 -7.88 10.84
C GLU A 130 -0.68 -7.95 9.36
N TRP A 131 -0.10 -6.86 8.86
CA TRP A 131 0.27 -6.74 7.44
C TRP A 131 1.68 -6.17 7.28
N SER A 132 2.42 -6.71 6.30
CA SER A 132 3.73 -6.25 5.88
C SER A 132 3.62 -5.60 4.52
N ILE A 133 4.49 -4.65 4.21
CA ILE A 133 4.50 -4.10 2.85
C ILE A 133 5.56 -4.77 1.97
N GLY A 134 6.40 -5.59 2.58
CA GLY A 134 7.43 -6.31 1.82
C GLY A 134 8.50 -6.88 2.70
N ASP A 135 9.34 -7.71 2.08
CA ASP A 135 10.39 -8.42 2.77
C ASP A 135 11.67 -7.64 2.85
N TYR A 136 11.58 -6.48 3.49
CA TYR A 136 12.70 -5.62 3.78
C TYR A 136 12.47 -4.92 5.11
N VAL A 137 13.55 -4.41 5.70
CA VAL A 137 13.53 -3.87 7.06
C VAL A 137 13.57 -2.35 7.02
N LEU A 138 12.64 -1.75 7.74
CA LEU A 138 12.50 -0.32 7.80
C LEU A 138 12.63 0.14 9.24
N THR A 139 12.67 1.45 9.43
CA THR A 139 12.87 2.01 10.75
C THR A 139 11.56 2.25 11.54
N GLY A 140 10.43 2.20 10.87
CA GLY A 140 9.14 2.45 11.53
C GLY A 140 8.01 2.05 10.63
N GLY A 141 6.81 1.96 11.21
CA GLY A 141 5.62 1.58 10.49
C GLY A 141 4.89 2.68 9.74
N GLU A 142 5.34 3.92 9.86
CA GLU A 142 4.68 5.04 9.24
C GLU A 142 4.71 5.02 7.70
N LEU A 143 5.88 4.76 7.12
CA LEU A 143 5.94 4.68 5.64
C LEU A 143 5.03 3.52 5.17
N PRO A 144 5.10 2.35 5.84
CA PRO A 144 4.17 1.28 5.48
C PRO A 144 2.69 1.68 5.58
N ALA A 145 2.33 2.40 6.65
CA ALA A 145 0.93 2.87 6.82
C ALA A 145 0.53 3.78 5.68
N MET A 146 1.40 4.72 5.34
CA MET A 146 1.09 5.63 4.23
C MET A 146 0.96 4.91 2.89
N THR A 147 1.80 3.90 2.69
CA THR A 147 1.76 3.02 1.51
C THR A 147 0.41 2.31 1.42
N LEU A 148 -0.08 1.78 2.54
CA LEU A 148 -1.38 1.13 2.59
C LEU A 148 -2.51 2.11 2.32
N ILE A 149 -2.47 3.27 2.96
CA ILE A 149 -3.51 4.28 2.78
C ILE A 149 -3.58 4.73 1.31
N ASP A 150 -2.42 4.96 0.72
CA ASP A 150 -2.32 5.37 -0.68
C ASP A 150 -2.96 4.29 -1.55
N ALA A 151 -2.58 3.03 -1.33
CA ALA A 151 -3.09 1.92 -2.14
C ALA A 151 -4.62 1.81 -2.02
N VAL A 152 -5.15 1.88 -0.81
CA VAL A 152 -6.59 1.68 -0.62
C VAL A 152 -7.39 2.90 -1.07
N ALA A 153 -6.79 4.08 -1.00
CA ALA A 153 -7.46 5.33 -1.37
C ALA A 153 -7.89 5.33 -2.83
N ARG A 154 -7.15 4.59 -3.67
CA ARG A 154 -7.44 4.48 -5.10
C ARG A 154 -8.82 3.86 -5.35
N PHE A 155 -9.36 3.15 -4.36
CA PHE A 155 -10.66 2.48 -4.47
C PHE A 155 -11.84 3.32 -4.02
N ILE A 156 -11.56 4.46 -3.40
CA ILE A 156 -12.61 5.34 -2.90
C ILE A 156 -13.25 6.07 -4.08
N PRO A 157 -14.58 5.93 -4.25
CA PRO A 157 -15.24 6.63 -5.36
C PRO A 157 -14.93 8.12 -5.38
N GLY A 158 -14.52 8.63 -6.54
CA GLY A 158 -14.21 10.04 -6.69
C GLY A 158 -12.75 10.42 -6.51
N VAL A 159 -11.92 9.47 -6.06
CA VAL A 159 -10.51 9.78 -5.81
C VAL A 159 -9.70 9.82 -7.11
N LEU A 160 -9.96 8.86 -7.99
CA LEU A 160 -9.27 8.79 -9.30
C LEU A 160 -10.06 9.47 -10.41
N SER A 170 -2.88 -2.05 -15.32
CA SER A 170 -2.89 -3.42 -15.84
C SER A 170 -2.82 -4.47 -14.72
N PHE A 171 -2.36 -4.07 -13.53
CA PHE A 171 -2.46 -4.93 -12.34
C PHE A 171 -3.94 -5.24 -12.02
N ALA A 172 -4.85 -4.44 -12.58
CA ALA A 172 -6.29 -4.74 -12.60
C ALA A 172 -6.54 -6.15 -13.12
N ASP A 173 -5.91 -6.51 -14.24
CA ASP A 173 -5.98 -7.89 -14.73
C ASP A 173 -4.76 -8.74 -14.29
N GLY A 174 -3.93 -8.18 -13.42
CA GLY A 174 -2.80 -8.91 -12.81
C GLY A 174 -1.52 -8.93 -13.64
N LEU A 175 -1.47 -8.07 -14.65
CA LEU A 175 -0.35 -8.01 -15.59
C LEU A 175 0.45 -6.73 -15.36
N LEU A 176 1.73 -6.78 -15.70
CA LEU A 176 2.53 -5.57 -15.75
C LEU A 176 1.97 -4.60 -16.81
N ASP A 177 2.24 -3.31 -16.60
CA ASP A 177 1.77 -2.26 -17.50
C ASP A 177 2.51 -2.32 -18.83
N CYS A 178 1.88 -1.84 -19.89
CA CYS A 178 2.56 -1.69 -21.18
C CYS A 178 3.44 -0.44 -21.15
N PRO A 179 4.40 -0.35 -22.07
CA PRO A 179 5.18 0.89 -22.19
C PRO A 179 4.28 2.04 -22.63
N HIS A 180 4.65 3.24 -22.19
CA HIS A 180 3.92 4.44 -22.52
C HIS A 180 4.83 5.42 -23.26
N TYR A 181 4.24 6.19 -24.15
CA TYR A 181 4.98 7.17 -24.96
C TYR A 181 4.22 8.49 -25.02
N THR A 182 4.97 9.57 -24.97
CA THR A 182 4.40 10.88 -25.19
C THR A 182 5.38 11.69 -26.04
N ARG A 183 5.13 12.99 -26.19
CA ARG A 183 5.98 13.79 -27.08
C ARG A 183 7.41 13.86 -26.52
N PRO A 184 8.41 13.94 -27.41
CA PRO A 184 8.35 14.08 -28.86
C PRO A 184 8.31 12.75 -29.64
N GLU A 185 8.07 12.84 -30.94
CA GLU A 185 7.98 11.65 -31.77
C GLU A 185 9.29 10.87 -31.81
N VAL A 186 10.40 11.59 -31.83
CA VAL A 186 11.72 10.99 -31.77
C VAL A 186 12.50 11.56 -30.60
N LEU A 187 13.05 10.69 -29.76
CA LEU A 187 13.82 11.09 -28.59
C LEU A 187 15.15 10.34 -28.57
N GLU A 188 16.25 11.08 -28.71
CA GLU A 188 17.58 10.48 -28.83
C GLU A 188 17.61 9.35 -29.88
N GLY A 189 16.96 9.59 -31.01
CA GLY A 189 16.95 8.62 -32.11
C GLY A 189 15.93 7.52 -31.95
N LEU A 190 15.26 7.46 -30.80
CA LEU A 190 14.24 6.45 -30.53
C LEU A 190 12.85 6.95 -30.90
N THR A 191 12.17 6.19 -31.76
CA THR A 191 10.87 6.60 -32.28
C THR A 191 9.72 5.95 -31.50
N VAL A 192 8.59 6.63 -31.43
CA VAL A 192 7.34 6.05 -30.92
C VAL A 192 6.86 4.97 -31.89
N PRO A 193 6.46 3.79 -31.38
CA PRO A 193 5.86 2.76 -32.25
C PRO A 193 4.76 3.32 -33.14
N PRO A 194 4.91 3.17 -34.48
CA PRO A 194 3.91 3.71 -35.42
C PRO A 194 2.45 3.35 -35.13
N VAL A 195 2.18 2.16 -34.61
CA VAL A 195 0.79 1.78 -34.29
C VAL A 195 0.11 2.76 -33.33
N LEU A 196 0.89 3.34 -32.40
CA LEU A 196 0.34 4.31 -31.44
C LEU A 196 -0.01 5.66 -32.09
N MET A 197 0.63 5.96 -33.21
CA MET A 197 0.35 7.17 -33.99
C MET A 197 -0.74 6.89 -35.03
N SER A 198 -1.17 5.63 -35.15
CA SER A 198 -2.06 5.18 -36.22
C SER A 198 -3.46 5.80 -36.14
N GLY A 199 -4.02 5.84 -34.94
CA GLY A 199 -5.42 6.20 -34.73
C GLY A 199 -6.35 5.01 -34.67
N HIS A 200 -5.82 3.80 -34.92
CA HIS A 200 -6.64 2.59 -34.93
C HIS A 200 -6.85 2.05 -33.51
N HIS A 201 -8.03 2.36 -32.95
CA HIS A 201 -8.33 2.12 -31.55
C HIS A 201 -8.11 0.66 -31.13
N GLU A 202 -8.65 -0.27 -31.92
CA GLU A 202 -8.59 -1.69 -31.60
C GLU A 202 -7.18 -2.28 -31.76
N GLU A 203 -6.46 -1.85 -32.79
CA GLU A 203 -5.04 -2.23 -32.94
C GLU A 203 -4.22 -1.78 -31.71
N ILE A 204 -4.48 -0.57 -31.24
CA ILE A 204 -3.77 0.00 -30.09
C ILE A 204 -4.08 -0.80 -28.83
N ARG A 205 -5.36 -1.11 -28.64
CA ARG A 205 -5.77 -1.90 -27.48
C ARG A 205 -5.04 -3.24 -27.47
N LYS A 206 -4.96 -3.88 -28.63
CA LYS A 206 -4.29 -5.18 -28.74
C LYS A 206 -2.77 -5.07 -28.55
N TRP A 207 -2.16 -4.02 -29.09
CA TRP A 207 -0.75 -3.77 -28.89
C TRP A 207 -0.45 -3.64 -27.39
N ARG A 208 -1.25 -2.84 -26.72
CA ARG A 208 -1.06 -2.61 -25.29
C ARG A 208 -1.18 -3.90 -24.48
N LEU A 209 -2.16 -4.71 -24.81
CA LEU A 209 -2.39 -5.96 -24.13
C LEU A 209 -1.24 -6.96 -24.39
N LYS A 210 -0.83 -7.07 -25.66
CA LYS A 210 0.29 -7.94 -26.03
C LYS A 210 1.58 -7.52 -25.30
N GLN A 211 1.86 -6.21 -25.29
CA GLN A 211 3.04 -5.68 -24.57
C GLN A 211 3.00 -6.03 -23.08
N SER A 212 1.84 -5.84 -22.48
CA SER A 212 1.68 -6.18 -21.08
C SER A 212 1.95 -7.67 -20.83
N LEU A 213 1.44 -8.54 -21.71
CA LEU A 213 1.63 -9.98 -21.60
C LEU A 213 3.09 -10.35 -21.83
N GLN A 214 3.72 -9.74 -22.82
CA GLN A 214 5.15 -9.94 -23.10
C GLN A 214 6.02 -9.57 -21.90
N ARG A 215 5.82 -8.37 -21.36
CA ARG A 215 6.62 -7.92 -20.21
C ARG A 215 6.40 -8.76 -18.95
N THR A 216 5.16 -9.18 -18.71
CA THR A 216 4.90 -10.04 -17.56
C THR A 216 5.63 -11.38 -17.73
N TRP A 217 5.59 -11.92 -18.94
CA TRP A 217 6.27 -13.17 -19.23
C TRP A 217 7.79 -13.05 -19.05
N LEU A 218 8.38 -11.98 -19.58
CA LEU A 218 9.82 -11.80 -19.54
C LEU A 218 10.33 -11.47 -18.14
N ARG A 219 9.60 -10.63 -17.40
CA ARG A 219 10.10 -10.11 -16.13
C ARG A 219 9.56 -10.80 -14.89
N ARG A 220 8.29 -11.20 -14.94
CA ARG A 220 7.61 -11.80 -13.79
C ARG A 220 6.75 -12.98 -14.23
N PRO A 221 7.39 -14.03 -14.79
CA PRO A 221 6.58 -15.12 -15.35
C PRO A 221 5.72 -15.86 -14.31
N GLU A 222 6.10 -15.81 -13.04
CA GLU A 222 5.31 -16.42 -11.96
C GLU A 222 3.91 -15.80 -11.84
N LEU A 223 3.81 -14.49 -12.10
CA LEU A 223 2.52 -13.81 -12.08
C LEU A 223 1.55 -14.36 -13.15
N LEU A 224 2.07 -14.83 -14.27
CA LEU A 224 1.23 -15.45 -15.31
C LEU A 224 0.62 -16.78 -14.84
N GLU A 225 1.35 -17.52 -14.01
CA GLU A 225 0.82 -18.77 -13.45
C GLU A 225 -0.40 -18.53 -12.56
N GLY A 226 -0.53 -17.31 -12.03
CA GLY A 226 -1.67 -16.94 -11.20
C GLY A 226 -2.92 -16.49 -11.97
N LEU A 227 -2.84 -16.45 -13.30
CA LEU A 227 -3.95 -15.94 -14.10
C LEU A 227 -4.58 -17.01 -14.98
N ALA A 228 -5.87 -16.83 -15.27
CA ALA A 228 -6.58 -17.62 -16.25
C ALA A 228 -6.78 -16.71 -17.44
N LEU A 229 -5.96 -16.88 -18.46
CA LEU A 229 -5.97 -15.97 -19.58
C LEU A 229 -7.20 -16.20 -20.45
N THR A 230 -7.77 -15.13 -20.95
CA THR A 230 -8.80 -15.23 -21.99
C THR A 230 -8.20 -15.83 -23.25
N ASP A 231 -9.07 -16.23 -24.17
CA ASP A 231 -8.62 -16.73 -25.47
C ASP A 231 -7.76 -15.66 -26.17
N GLU A 232 -8.21 -14.42 -26.15
CA GLU A 232 -7.45 -13.33 -26.79
C GLU A 232 -6.08 -13.13 -26.14
N GLN A 233 -6.04 -13.15 -24.81
CA GLN A 233 -4.76 -13.05 -24.11
C GLN A 233 -3.83 -14.22 -24.46
N ARG A 234 -4.37 -15.43 -24.49
CA ARG A 234 -3.56 -16.59 -24.86
C ARG A 234 -2.96 -16.42 -26.27
N LYS A 235 -3.76 -15.92 -27.21
CA LYS A 235 -3.28 -15.69 -28.59
C LYS A 235 -2.16 -14.66 -28.59
N LEU A 236 -2.43 -13.51 -27.97
CA LEU A 236 -1.48 -12.40 -27.95
C LEU A 236 -0.18 -12.81 -27.28
N LEU A 237 -0.24 -13.56 -26.18
CA LEU A 237 0.97 -14.06 -25.52
C LEU A 237 1.76 -14.97 -26.46
N LYS A 238 1.07 -15.90 -27.12
CA LYS A 238 1.73 -16.81 -28.07
C LYS A 238 2.45 -16.03 -29.17
N GLU A 239 1.80 -14.99 -29.70
CA GLU A 239 2.41 -14.17 -30.75
C GLU A 239 3.64 -13.43 -30.23
N ALA A 240 3.56 -12.94 -29.00
CA ALA A 240 4.68 -12.21 -28.40
C ALA A 240 5.86 -13.16 -28.13
N GLN A 241 5.55 -14.38 -27.68
CA GLN A 241 6.59 -15.39 -27.46
C GLN A 241 7.24 -15.81 -28.79
N ALA A 242 6.43 -15.96 -29.84
CA ALA A 242 6.95 -16.29 -31.17
C ALA A 242 7.88 -15.19 -31.69
N GLU A 243 7.47 -13.93 -31.52
CA GLU A 243 8.29 -12.78 -31.93
C GLU A 243 9.59 -12.71 -31.13
N HIS A 244 9.50 -12.94 -29.83
CA HIS A 244 10.70 -12.92 -28.98
C HIS A 244 11.69 -14.00 -29.41
N ASN A 245 11.17 -15.14 -29.84
CA ASN A 245 11.99 -16.28 -30.27
C ASN A 245 12.43 -16.19 -31.73
N SER A 246 12.20 -15.04 -32.36
CA SER A 246 12.61 -14.80 -33.73
C SER A 246 13.75 -13.80 -33.79
#